data_5CEH
#
_entry.id   5CEH
#
_cell.length_a   159.306
_cell.length_b   159.306
_cell.length_c   92.462
_cell.angle_alpha   90.00
_cell.angle_beta   90.00
_cell.angle_gamma   120.00
#
_symmetry.space_group_name_H-M   'P 31 2 1'
#
loop_
_entity.id
_entity.type
_entity.pdbx_description
1 polymer 'Lysine-specific demethylase 5A'
2 polymer 'Unknown Peptide'
3 non-polymer 'NICKEL (II) ION'
4 non-polymer 'ZINC ION'
5 non-polymer 7-oxo-5-phenyl-6-(propan-2-yl)-4,7-dihydropyrazolo[1,5-a]pyrimidine-3-carbonitrile
6 water water
#
loop_
_entity_poly.entity_id
_entity_poly.type
_entity_poly.pdbx_seq_one_letter_code
_entity_poly.pdbx_strand_id
1 'polypeptide(L)'
;SEFVPPPECPVFEPSWEEFTDPLSFIGRIRPLAEKTGICKIRPPKDWQPPFACEVKSFRFTPRVQRLNELEAMTRVRLDF
LDQLAKFWELQGSTLKIPVVERKILDLYALSKIVASKGGFEMVTKEKKWSKVGSRLGYLPGKGTGSLLKSHYERILYPYE
LFQSGVSLMGVQMPNLDLKEKVEPEVLSTDTQTSPEPGTRMNILPKRTRRVKTQSESGDVSRNTELKKLQIFGAGPKVVG
LAMGTKDKEDEVTRRRKVTNRSDAFNMQMRQRKGTLSVNFVDLYVCMFCGRGNNEDKLLLCDGCDDSYHTFCLIPPLPDV
PKGDWRCPKCVAEECSKPREAFGFEQAVREYTLQSFGEMADNFKSDYFNMPVHMVPTELVEKEFWRLVSSIEEDVIVEYG
ADISSKDFGSGFPVKDGRRKILPEEEEYALSGWNLNNMPVLEQSVLAHINVDISGMKVPWLYVGMCFSSFCWHIEDHWSY
SINYLHWGEPKTWYGVPSHAAEQLEEVMRELAPELFESQPDLLHQLVTIMNPNVLMEHGVPVYRTNQCAGEFVVTFPRAY
HSGFNQGYNFAEAVNFCTADWLPIGRQCVNHYRRLRRHCVFSHEELIFKMAADPECLDVGLAAMVCKELTLMTEEETRLR
ESVVQMGVLMSEEEVFELVPDDERQCSACRTTCFLSALTCSCNPERLVCLYHPTDLCPCPMQKKCLRYRYPLEDLPSLLY
GVKVRAQSYDTWVSRVTEALSANFNHKKDLIELRVMLEDAEDRKYPENDLFRKLRDAVKEAETCASVGNS
;
A
2 'polypeptide(L)' (UNK)(UNK)(UNK)(UNK)(UNK)(UNK)(UNK)(UNK)(UNK)(UNK) B
#
loop_
_chem_comp.id
_chem_comp.type
_chem_comp.name
_chem_comp.formula
50P non-polymer 7-oxo-5-phenyl-6-(propan-2-yl)-4,7-dihydropyrazolo[1,5-a]pyrimidine-3-carbonitrile 'C16 H14 N4 O'
NI non-polymer 'NICKEL (II) ION' 'Ni 2'
ZN non-polymer 'ZINC ION' 'Zn 2'
#
# COMPACT_ATOMS: atom_id res chain seq x y z
N GLU A 2 7.20 -31.53 -0.69
CA GLU A 2 5.75 -31.58 -0.76
C GLU A 2 5.20 -30.33 -1.45
N PHE A 3 5.90 -29.21 -1.28
CA PHE A 3 5.53 -27.94 -1.92
C PHE A 3 5.99 -27.91 -3.37
N VAL A 4 5.20 -27.27 -4.24
CA VAL A 4 5.49 -27.24 -5.67
C VAL A 4 5.82 -25.83 -6.17
N PRO A 5 7.05 -25.60 -6.65
CA PRO A 5 7.38 -24.26 -7.19
C PRO A 5 6.50 -23.89 -8.38
N PRO A 6 5.84 -22.71 -8.34
CA PRO A 6 5.02 -22.25 -9.47
C PRO A 6 5.83 -21.91 -10.72
N PRO A 7 5.16 -21.53 -11.82
CA PRO A 7 5.86 -21.10 -13.02
C PRO A 7 6.68 -19.83 -12.82
N GLU A 8 7.80 -19.73 -13.52
CA GLU A 8 8.63 -18.55 -13.40
C GLU A 8 8.00 -17.38 -14.18
N CYS A 9 8.10 -16.20 -13.60
CA CYS A 9 7.72 -14.96 -14.27
C CYS A 9 8.88 -14.58 -15.16
N PRO A 10 8.59 -13.86 -16.25
CA PRO A 10 9.61 -13.49 -17.24
C PRO A 10 10.66 -12.51 -16.69
N VAL A 11 11.89 -12.62 -17.19
CA VAL A 11 12.92 -11.62 -16.92
C VAL A 11 13.21 -10.86 -18.20
N PHE A 12 13.64 -9.61 -18.07
CA PHE A 12 14.03 -8.81 -19.22
C PHE A 12 15.46 -8.33 -19.05
N GLU A 13 16.25 -8.48 -20.11
CA GLU A 13 17.64 -8.09 -20.08
C GLU A 13 17.80 -7.03 -21.15
N PRO A 14 17.46 -5.78 -20.81
CA PRO A 14 17.47 -4.69 -21.78
C PRO A 14 18.85 -4.20 -22.15
N SER A 15 18.98 -3.80 -23.41
CA SER A 15 20.18 -3.19 -23.92
C SER A 15 20.37 -1.82 -23.26
N TRP A 16 21.59 -1.28 -23.34
CA TRP A 16 21.90 0.03 -22.77
C TRP A 16 20.99 1.15 -23.31
N GLU A 17 20.52 1.00 -24.56
CA GLU A 17 19.63 1.99 -25.17
C GLU A 17 18.18 1.85 -24.71
N GLU A 18 17.73 0.61 -24.46
CA GLU A 18 16.41 0.36 -23.88
C GLU A 18 16.40 0.78 -22.41
N PHE A 19 17.60 0.81 -21.82
CA PHE A 19 17.78 0.99 -20.38
C PHE A 19 17.81 2.47 -20.04
N THR A 20 17.65 3.33 -21.04
CA THR A 20 17.84 4.76 -20.83
C THR A 20 16.63 5.41 -20.14
N ASP A 21 15.43 5.07 -20.59
CA ASP A 21 14.21 5.49 -19.90
C ASP A 21 13.48 4.26 -19.32
N PRO A 22 13.42 4.14 -17.99
CA PRO A 22 12.74 3.00 -17.35
C PRO A 22 11.24 2.93 -17.63
N LEU A 23 10.57 4.08 -17.63
CA LEU A 23 9.11 4.11 -17.78
C LEU A 23 8.66 3.89 -19.23
N SER A 24 9.58 4.10 -20.17
CA SER A 24 9.32 3.78 -21.57
C SER A 24 9.49 2.29 -21.77
N PHE A 25 10.54 1.77 -21.15
CA PHE A 25 10.87 0.35 -21.21
C PHE A 25 9.81 -0.48 -20.50
N ILE A 26 9.27 0.04 -19.40
CA ILE A 26 8.22 -0.66 -18.70
C ILE A 26 6.92 -0.63 -19.50
N GLY A 27 6.70 0.43 -20.29
CA GLY A 27 5.55 0.50 -21.16
C GLY A 27 5.72 -0.51 -22.29
N ARG A 28 6.92 -0.54 -22.84
CA ARG A 28 7.29 -1.49 -23.88
C ARG A 28 6.92 -2.90 -23.45
N ILE A 29 7.16 -3.16 -22.17
CA ILE A 29 7.04 -4.50 -21.60
C ILE A 29 5.66 -4.79 -21.02
N ARG A 30 4.88 -3.73 -20.82
CA ARG A 30 3.63 -3.83 -20.05
C ARG A 30 2.65 -4.87 -20.60
N PRO A 31 2.40 -4.86 -21.93
CA PRO A 31 1.37 -5.75 -22.48
C PRO A 31 1.66 -7.22 -22.20
N LEU A 32 2.92 -7.48 -21.89
CA LEU A 32 3.41 -8.82 -21.66
C LEU A 32 3.49 -9.14 -20.16
N ALA A 33 4.32 -8.38 -19.44
CA ALA A 33 4.55 -8.64 -18.02
C ALA A 33 3.29 -8.47 -17.18
N GLU A 34 2.39 -7.60 -17.62
CA GLU A 34 1.10 -7.38 -16.97
C GLU A 34 0.34 -8.70 -16.72
N LYS A 35 0.57 -9.69 -17.59
CA LYS A 35 -0.13 -10.97 -17.54
C LYS A 35 0.38 -11.90 -16.46
N THR A 36 1.64 -11.72 -16.08
CA THR A 36 2.23 -12.48 -14.97
C THR A 36 2.15 -11.73 -13.64
N GLY A 37 1.82 -10.45 -13.70
CA GLY A 37 1.56 -9.66 -12.50
C GLY A 37 2.84 -9.04 -11.90
N ILE A 38 3.96 -9.69 -12.17
CA ILE A 38 5.30 -9.20 -11.82
C ILE A 38 6.28 -9.59 -12.91
N CYS A 39 7.44 -8.95 -12.90
CA CYS A 39 8.50 -9.33 -13.82
C CYS A 39 9.80 -8.91 -13.20
N LYS A 40 10.87 -9.51 -13.69
CA LYS A 40 12.21 -9.23 -13.20
C LYS A 40 12.97 -8.49 -14.29
N ILE A 41 13.87 -7.59 -13.91
CA ILE A 41 14.65 -6.83 -14.91
C ILE A 41 16.14 -6.83 -14.55
N ARG A 42 16.94 -7.40 -15.45
CA ARG A 42 18.37 -7.46 -15.25
C ARG A 42 19.05 -6.27 -15.91
N PRO A 43 19.59 -5.34 -15.10
CA PRO A 43 20.31 -4.25 -15.76
C PRO A 43 21.58 -4.81 -16.39
N PRO A 44 22.15 -4.11 -17.40
CA PRO A 44 23.45 -4.50 -17.98
C PRO A 44 24.47 -4.74 -16.88
N LYS A 45 25.37 -5.70 -17.12
CA LYS A 45 26.30 -6.13 -16.08
C LYS A 45 27.25 -5.00 -15.71
N ASP A 46 27.48 -4.08 -16.66
CA ASP A 46 28.37 -2.94 -16.45
C ASP A 46 27.76 -1.98 -15.42
N TRP A 47 26.46 -2.10 -15.21
CA TRP A 47 25.75 -1.16 -14.34
C TRP A 47 25.76 -1.76 -12.94
N GLN A 48 26.58 -1.15 -12.08
CA GLN A 48 26.72 -1.56 -10.69
C GLN A 48 26.91 -0.32 -9.83
N PRO A 49 25.81 0.33 -9.43
CA PRO A 49 25.96 1.58 -8.66
C PRO A 49 26.60 1.28 -7.32
N PRO A 50 27.38 2.23 -6.77
CA PRO A 50 28.01 1.94 -5.49
C PRO A 50 27.03 2.08 -4.34
N PHE A 51 27.27 1.35 -3.25
CA PHE A 51 26.37 1.40 -2.10
C PHE A 51 26.74 2.60 -1.22
N ALA A 52 25.81 3.54 -1.13
CA ALA A 52 26.07 4.80 -0.44
C ALA A 52 26.25 4.56 1.04
N CYS A 53 25.32 3.80 1.62
CA CYS A 53 25.28 3.59 3.06
C CYS A 53 26.54 2.93 3.63
N GLU A 54 27.01 3.41 4.78
CA GLU A 54 27.91 2.61 5.59
C GLU A 54 26.97 1.65 6.27
N VAL A 55 27.54 0.66 6.94
CA VAL A 55 26.82 -0.54 7.38
C VAL A 55 27.20 -0.69 8.83
N LYS A 56 28.52 -0.70 9.05
CA LYS A 56 29.12 -0.83 10.38
C LYS A 56 28.42 0.07 11.38
N SER A 57 28.10 1.29 10.99
CA SER A 57 27.12 2.06 11.75
C SER A 57 25.91 2.37 10.87
N PHE A 58 24.90 1.51 10.95
CA PHE A 58 23.56 1.78 10.42
C PHE A 58 22.60 1.10 11.39
N ARG A 59 21.79 1.88 12.09
CA ARG A 59 21.08 1.33 13.24
C ARG A 59 19.59 1.30 12.91
N PHE A 60 18.98 0.12 13.02
CA PHE A 60 17.54 -0.02 12.83
C PHE A 60 16.91 -0.84 13.97
N THR A 61 15.62 -0.62 14.20
CA THR A 61 14.85 -1.37 15.18
C THR A 61 14.20 -2.59 14.52
N PRO A 62 14.63 -3.81 14.90
CA PRO A 62 14.10 -5.03 14.28
C PRO A 62 12.66 -5.39 14.69
N ARG A 63 11.80 -5.75 13.73
CA ARG A 63 10.48 -6.29 14.05
C ARG A 63 10.58 -7.83 14.01
N VAL A 64 9.50 -8.51 14.38
CA VAL A 64 9.57 -9.95 14.60
C VAL A 64 8.42 -10.72 13.92
N GLN A 65 8.72 -11.96 13.52
CA GLN A 65 7.76 -12.82 12.80
C GLN A 65 7.78 -14.25 13.32
N ARG A 66 6.62 -14.75 13.77
CA ARG A 66 6.51 -16.15 14.16
C ARG A 66 5.74 -16.88 13.05
N LEU A 67 6.47 -17.69 12.28
CA LEU A 67 5.96 -18.31 11.06
C LEU A 67 4.78 -19.23 11.35
N ASN A 68 4.75 -19.76 12.57
CA ASN A 68 3.62 -20.52 13.03
C ASN A 68 2.39 -19.64 12.96
N GLU A 69 2.44 -18.50 13.64
CA GLU A 69 1.29 -17.59 13.71
C GLU A 69 1.31 -16.45 12.69
N LEU A 70 2.26 -16.49 11.76
CA LEU A 70 2.31 -15.53 10.66
C LEU A 70 0.97 -15.50 9.89
N GLU A 71 0.32 -16.66 9.81
CA GLU A 71 -0.99 -16.76 9.18
C GLU A 71 -2.08 -16.29 10.17
N ALA A 72 -2.77 -15.21 9.81
CA ALA A 72 -3.84 -14.68 10.66
C ALA A 72 -5.22 -15.22 10.28
N MET A 73 -5.32 -15.90 9.13
CA MET A 73 -6.59 -16.39 8.61
C MET A 73 -6.88 -17.81 9.06
N THR A 74 -6.11 -18.28 10.04
CA THR A 74 -6.32 -19.61 10.60
C THR A 74 -7.77 -19.83 11.03
N ARG A 75 -8.23 -21.07 10.92
CA ARG A 75 -9.62 -21.41 11.21
C ARG A 75 -10.13 -20.83 12.51
N VAL A 76 -9.35 -20.98 13.57
CA VAL A 76 -9.77 -20.56 14.90
C VAL A 76 -9.99 -19.06 14.99
N ARG A 77 -9.11 -18.27 14.37
CA ARG A 77 -9.19 -16.83 14.49
C ARG A 77 -10.43 -16.31 13.79
N LEU A 78 -10.83 -16.98 12.71
CA LEU A 78 -11.97 -16.56 11.92
C LEU A 78 -13.31 -16.89 12.60
N ASP A 79 -13.38 -18.03 13.28
CA ASP A 79 -14.62 -18.40 13.97
C ASP A 79 -14.82 -17.56 15.22
N PHE A 80 -13.70 -17.21 15.85
CA PHE A 80 -13.73 -16.28 16.98
C PHE A 80 -14.31 -14.96 16.56
N LEU A 81 -13.71 -14.35 15.56
CA LEU A 81 -14.18 -13.07 15.06
C LEU A 81 -15.58 -13.14 14.50
N ASP A 82 -15.97 -14.30 13.96
CA ASP A 82 -17.33 -14.50 13.46
C ASP A 82 -18.29 -14.46 14.64
N GLN A 83 -17.98 -15.25 15.66
CA GLN A 83 -18.79 -15.33 16.86
C GLN A 83 -18.80 -14.02 17.62
N LEU A 84 -17.69 -13.29 17.61
CA LEU A 84 -17.63 -12.03 18.31
C LEU A 84 -18.51 -10.98 17.64
N ALA A 85 -18.51 -10.97 16.31
CA ALA A 85 -19.32 -10.02 15.56
C ALA A 85 -20.79 -10.31 15.77
N LYS A 86 -21.18 -11.59 15.71
CA LYS A 86 -22.57 -12.00 15.90
C LYS A 86 -23.04 -11.60 17.30
N PHE A 87 -22.15 -11.77 18.28
CA PHE A 87 -22.43 -11.37 19.65
C PHE A 87 -22.81 -9.90 19.68
N TRP A 88 -21.90 -9.06 19.21
CA TRP A 88 -22.13 -7.62 19.21
C TRP A 88 -23.38 -7.23 18.42
N GLU A 89 -23.64 -7.91 17.30
CA GLU A 89 -24.82 -7.63 16.48
C GLU A 89 -26.07 -7.82 17.32
N LEU A 90 -26.02 -8.87 18.13
CA LEU A 90 -27.14 -9.21 18.99
C LEU A 90 -27.38 -8.11 20.02
N GLN A 91 -26.28 -7.55 20.52
CA GLN A 91 -26.29 -6.54 21.58
C GLN A 91 -26.75 -5.17 21.06
N GLY A 92 -26.94 -5.05 19.75
CA GLY A 92 -27.44 -3.83 19.15
C GLY A 92 -26.33 -2.99 18.58
N SER A 93 -25.12 -3.22 19.07
CA SER A 93 -23.92 -2.53 18.58
C SER A 93 -23.39 -3.26 17.34
N THR A 94 -22.21 -2.88 16.90
CA THR A 94 -21.54 -3.55 15.80
C THR A 94 -20.07 -3.65 16.14
N LEU A 95 -19.44 -4.76 15.75
CA LEU A 95 -18.05 -4.98 16.08
C LEU A 95 -17.22 -4.06 15.20
N LYS A 96 -16.47 -3.16 15.84
CA LYS A 96 -15.53 -2.28 15.13
C LYS A 96 -14.14 -2.58 15.61
N ILE A 97 -13.32 -3.16 14.74
CA ILE A 97 -11.96 -3.54 15.15
C ILE A 97 -11.02 -2.32 15.13
N PRO A 98 -10.42 -2.02 16.30
CA PRO A 98 -9.55 -0.83 16.38
C PRO A 98 -8.19 -1.06 15.74
N VAL A 99 -7.49 0.04 15.49
CA VAL A 99 -6.12 0.00 15.02
C VAL A 99 -5.22 0.37 16.19
N VAL A 100 -4.12 -0.37 16.35
CA VAL A 100 -3.18 -0.12 17.42
C VAL A 100 -1.79 -0.12 16.81
N GLU A 101 -1.06 0.99 16.98
CA GLU A 101 0.27 1.14 16.38
C GLU A 101 0.26 0.69 14.93
N ARG A 102 -0.44 1.47 14.10
CA ARG A 102 -0.39 1.39 12.64
C ARG A 102 -1.18 0.24 12.02
N LYS A 103 -1.58 -0.75 12.82
CA LYS A 103 -2.25 -1.94 12.29
C LYS A 103 -3.33 -2.48 13.22
N ILE A 104 -4.25 -3.25 12.64
CA ILE A 104 -5.40 -3.80 13.38
C ILE A 104 -5.01 -4.56 14.63
N LEU A 105 -5.89 -4.49 15.62
CA LEU A 105 -5.73 -5.22 16.86
C LEU A 105 -6.15 -6.68 16.72
N ASP A 106 -5.29 -7.60 17.15
CA ASP A 106 -5.61 -9.01 16.99
C ASP A 106 -6.37 -9.37 18.24
N LEU A 107 -7.68 -9.56 18.07
CA LEU A 107 -8.56 -9.74 19.20
C LEU A 107 -8.44 -11.18 19.74
N TYR A 108 -8.31 -12.13 18.82
CA TYR A 108 -8.24 -13.52 19.20
C TYR A 108 -7.01 -13.74 20.07
N ALA A 109 -5.89 -13.13 19.68
CA ALA A 109 -4.66 -13.23 20.45
C ALA A 109 -4.88 -12.58 21.80
N LEU A 110 -5.31 -11.32 21.74
CA LEU A 110 -5.56 -10.50 22.93
C LEU A 110 -6.46 -11.23 23.93
N SER A 111 -7.57 -11.77 23.44
CA SER A 111 -8.56 -12.46 24.29
C SER A 111 -7.94 -13.71 24.92
N LYS A 112 -7.19 -14.47 24.10
CA LYS A 112 -6.53 -15.70 24.56
C LYS A 112 -5.59 -15.37 25.70
N ILE A 113 -4.73 -14.39 25.46
CA ILE A 113 -3.69 -14.02 26.40
C ILE A 113 -4.28 -13.51 27.72
N VAL A 114 -5.23 -12.59 27.62
CA VAL A 114 -5.86 -12.02 28.81
C VAL A 114 -6.51 -13.10 29.67
N ALA A 115 -7.14 -14.07 29.00
CA ALA A 115 -7.90 -15.10 29.69
C ALA A 115 -6.98 -16.15 30.31
N SER A 116 -5.78 -16.31 29.73
CA SER A 116 -4.81 -17.29 30.23
C SER A 116 -4.23 -16.90 31.59
N LYS A 117 -4.15 -15.60 31.84
CA LYS A 117 -3.74 -15.05 33.14
C LYS A 117 -4.91 -14.66 34.05
N GLY A 118 -6.13 -15.02 33.63
CA GLY A 118 -7.30 -14.98 34.50
C GLY A 118 -8.33 -13.91 34.18
N GLY A 119 -8.13 -13.17 33.09
CA GLY A 119 -9.14 -12.27 32.58
C GLY A 119 -8.89 -10.81 32.86
N PHE A 120 -9.89 -9.99 32.54
CA PHE A 120 -9.77 -8.53 32.59
C PHE A 120 -9.36 -8.00 33.96
N GLU A 121 -10.26 -8.08 34.94
CA GLU A 121 -10.03 -7.53 36.28
C GLU A 121 -8.92 -8.25 37.03
N MET A 122 -8.50 -9.40 36.50
CA MET A 122 -7.36 -10.12 37.02
C MET A 122 -6.05 -9.51 36.49
N VAL A 123 -6.05 -9.13 35.21
CA VAL A 123 -4.88 -8.50 34.60
C VAL A 123 -4.79 -7.04 35.05
N THR A 124 -5.94 -6.40 35.22
CA THR A 124 -5.99 -5.03 35.69
C THR A 124 -5.40 -4.93 37.09
N LYS A 125 -5.98 -5.68 38.02
CA LYS A 125 -5.60 -5.55 39.42
C LYS A 125 -4.16 -5.99 39.66
N GLU A 126 -3.63 -6.78 38.73
CA GLU A 126 -2.23 -7.17 38.75
C GLU A 126 -1.35 -6.33 37.82
N LYS A 127 -1.94 -5.38 37.10
CA LYS A 127 -1.18 -4.46 36.25
C LYS A 127 -0.25 -5.17 35.25
N LYS A 128 -0.73 -6.25 34.64
CA LYS A 128 0.06 -7.02 33.67
C LYS A 128 -0.20 -6.66 32.21
N TRP A 129 -1.01 -5.63 31.98
CA TRP A 129 -1.38 -5.20 30.63
C TRP A 129 -0.18 -4.86 29.75
N SER A 130 0.93 -4.49 30.36
CA SER A 130 2.14 -4.18 29.59
C SER A 130 2.81 -5.49 29.14
N LYS A 131 2.75 -6.50 29.99
CA LYS A 131 3.25 -7.83 29.67
C LYS A 131 2.50 -8.39 28.45
N VAL A 132 1.20 -8.15 28.43
CA VAL A 132 0.33 -8.59 27.34
C VAL A 132 0.81 -8.02 26.01
N GLY A 133 0.72 -6.70 25.88
CA GLY A 133 1.08 -6.01 24.66
C GLY A 133 2.45 -6.41 24.15
N SER A 134 3.35 -6.75 25.06
CA SER A 134 4.67 -7.24 24.68
C SER A 134 4.53 -8.56 23.90
N ARG A 135 3.87 -9.53 24.53
CA ARG A 135 3.68 -10.85 23.91
C ARG A 135 2.84 -10.76 22.64
N LEU A 136 2.12 -9.65 22.49
CA LEU A 136 1.32 -9.38 21.30
C LEU A 136 2.18 -8.74 20.20
N GLY A 137 3.47 -8.52 20.51
CA GLY A 137 4.42 -8.03 19.53
C GLY A 137 4.55 -6.52 19.52
N TYR A 138 3.81 -5.84 20.40
CA TYR A 138 3.77 -4.38 20.38
C TYR A 138 5.03 -3.77 20.99
N LEU A 139 5.49 -2.69 20.38
CA LEU A 139 6.69 -1.99 20.83
C LEU A 139 6.45 -1.19 22.11
N PRO A 140 7.25 -1.43 23.16
CA PRO A 140 7.16 -0.53 24.33
C PRO A 140 7.87 0.77 24.00
N GLY A 141 7.85 1.76 24.87
CA GLY A 141 7.08 1.80 26.10
C GLY A 141 5.87 2.67 25.85
N LYS A 142 5.44 2.72 24.58
CA LYS A 142 4.49 3.72 24.07
C LYS A 142 3.12 3.74 24.78
N GLY A 143 2.91 2.80 25.70
CA GLY A 143 1.75 2.84 26.56
C GLY A 143 0.63 2.02 25.98
N THR A 144 0.98 1.10 25.10
CA THR A 144 0.01 0.23 24.47
C THR A 144 -0.74 -0.59 25.51
N GLY A 145 -0.06 -0.91 26.61
CA GLY A 145 -0.65 -1.73 27.65
C GLY A 145 -1.97 -1.18 28.17
N SER A 146 -1.96 0.07 28.61
CA SER A 146 -3.16 0.72 29.16
C SER A 146 -4.15 1.07 28.06
N LEU A 147 -3.67 1.03 26.83
CA LEU A 147 -4.53 1.24 25.68
C LEU A 147 -5.35 -0.03 25.34
N LEU A 148 -4.73 -1.21 25.51
CA LEU A 148 -5.39 -2.50 25.25
C LEU A 148 -6.48 -2.75 26.27
N LYS A 149 -6.21 -2.43 27.53
CA LYS A 149 -7.19 -2.52 28.59
C LYS A 149 -8.46 -1.75 28.18
N SER A 150 -8.26 -0.53 27.70
CA SER A 150 -9.36 0.31 27.27
C SER A 150 -10.13 -0.36 26.14
N HIS A 151 -9.41 -1.08 25.29
CA HIS A 151 -10.02 -1.76 24.15
C HIS A 151 -10.70 -3.06 24.55
N TYR A 152 -10.01 -3.83 25.40
CA TYR A 152 -10.53 -5.11 25.84
C TYR A 152 -11.87 -4.90 26.53
N GLU A 153 -11.88 -4.00 27.50
CA GLU A 153 -13.10 -3.66 28.22
C GLU A 153 -14.22 -3.29 27.26
N ARG A 154 -13.97 -2.29 26.42
CA ARG A 154 -14.97 -1.76 25.51
C ARG A 154 -15.53 -2.81 24.53
N ILE A 155 -14.77 -3.90 24.34
CA ILE A 155 -15.05 -4.89 23.29
C ILE A 155 -15.08 -6.33 23.77
N LEU A 156 -13.97 -6.78 24.34
CA LEU A 156 -13.83 -8.18 24.74
C LEU A 156 -14.40 -8.59 26.10
N TYR A 157 -14.59 -7.64 27.02
CA TYR A 157 -15.03 -7.97 28.37
C TYR A 157 -16.48 -8.47 28.39
N PRO A 158 -17.39 -7.79 27.65
CA PRO A 158 -18.78 -8.27 27.61
C PRO A 158 -18.87 -9.71 27.07
N TYR A 159 -18.10 -9.97 26.02
CA TYR A 159 -17.98 -11.29 25.45
C TYR A 159 -17.27 -12.20 26.45
N GLU A 160 -16.34 -11.66 27.23
CA GLU A 160 -15.62 -12.48 28.22
C GLU A 160 -16.63 -13.04 29.21
N LEU A 161 -17.43 -12.15 29.78
CA LEU A 161 -18.50 -12.54 30.70
C LEU A 161 -19.41 -13.57 30.05
N PHE A 162 -20.05 -13.15 28.97
CA PHE A 162 -20.97 -13.98 28.20
C PHE A 162 -20.45 -15.39 27.95
N GLN A 163 -19.30 -15.45 27.29
CA GLN A 163 -18.57 -16.68 27.02
C GLN A 163 -18.19 -17.39 28.32
N SER A 164 -17.80 -16.60 29.33
CA SER A 164 -17.47 -17.13 30.64
C SER A 164 -18.77 -17.56 31.25
N GLY A 165 -18.72 -18.07 32.48
CA GLY A 165 -19.97 -18.54 33.06
C GLY A 165 -20.99 -17.42 33.00
N VAL A 166 -22.05 -17.68 32.26
CA VAL A 166 -23.31 -16.97 32.41
C VAL A 166 -23.17 -15.41 32.41
N SER A 167 -23.57 -14.76 33.50
CA SER A 167 -23.30 -13.33 33.76
C SER A 167 -23.84 -12.28 32.76
N LEU A 168 -23.04 -11.22 32.56
CA LEU A 168 -23.36 -10.11 31.66
C LEU A 168 -24.65 -9.33 31.96
N MET A 169 -24.63 -8.47 32.99
CA MET A 169 -25.73 -7.51 33.18
C MET A 169 -25.26 -6.16 32.65
N GLY A 170 -24.46 -5.42 33.43
CA GLY A 170 -23.79 -4.22 32.96
C GLY A 170 -22.27 -4.39 32.89
N VAL A 171 -21.53 -3.30 32.63
CA VAL A 171 -22.05 -2.08 32.03
C VAL A 171 -21.84 -2.26 30.53
N GLN A 172 -22.27 -1.30 29.71
CA GLN A 172 -22.18 -1.48 28.25
C GLN A 172 -22.64 -0.26 27.45
N MET A 173 -22.27 -0.25 26.16
CA MET A 173 -22.69 0.76 25.20
C MET A 173 -22.12 0.46 23.81
N TYR A 351 19.96 -3.02 16.83
CA TYR A 351 20.69 -3.75 15.78
C TYR A 351 21.46 -2.87 14.80
N THR A 352 22.59 -3.39 14.36
CA THR A 352 23.36 -2.77 13.28
C THR A 352 23.31 -3.67 12.05
N LEU A 353 23.28 -3.05 10.87
CA LEU A 353 23.26 -3.80 9.63
C LEU A 353 24.37 -4.85 9.64
N GLN A 354 25.54 -4.44 10.14
CA GLN A 354 26.70 -5.33 10.30
C GLN A 354 26.37 -6.49 11.23
N SER A 355 25.92 -6.15 12.44
CA SER A 355 25.65 -7.14 13.47
C SER A 355 24.42 -7.97 13.12
N PHE A 356 23.62 -7.45 12.19
CA PHE A 356 22.45 -8.16 11.72
C PHE A 356 22.86 -9.25 10.74
N GLY A 357 23.89 -8.96 9.94
CA GLY A 357 24.42 -9.95 9.03
C GLY A 357 25.00 -11.12 9.81
N GLU A 358 25.66 -10.80 10.92
CA GLU A 358 26.25 -11.82 11.78
C GLU A 358 25.17 -12.73 12.33
N MET A 359 24.00 -12.15 12.59
CA MET A 359 22.85 -12.90 13.08
C MET A 359 22.37 -13.86 11.98
N ALA A 360 22.07 -13.28 10.82
CA ALA A 360 21.30 -13.95 9.77
C ALA A 360 22.12 -15.02 9.08
N ASP A 361 23.43 -14.82 9.06
CA ASP A 361 24.33 -15.80 8.49
C ASP A 361 24.57 -16.95 9.48
N ASN A 362 24.48 -16.66 10.77
CA ASN A 362 24.66 -17.69 11.80
C ASN A 362 23.43 -18.57 11.91
N PHE A 363 22.27 -17.95 11.81
CA PHE A 363 21.01 -18.66 11.91
C PHE A 363 20.88 -19.68 10.79
N LYS A 364 21.14 -19.21 9.57
CA LYS A 364 20.94 -20.01 8.37
C LYS A 364 21.89 -21.21 8.31
N SER A 365 23.16 -20.98 8.65
CA SER A 365 24.16 -22.05 8.59
C SER A 365 23.84 -23.14 9.61
N ASP A 366 23.46 -22.74 10.83
CA ASP A 366 23.17 -23.69 11.90
C ASP A 366 21.88 -24.46 11.66
N TYR A 367 21.00 -23.86 10.85
CA TYR A 367 19.75 -24.50 10.48
C TYR A 367 19.96 -25.58 9.42
N PHE A 368 20.68 -25.23 8.36
CA PHE A 368 20.92 -26.14 7.24
C PHE A 368 22.27 -26.87 7.34
N ASN A 369 23.08 -26.50 8.32
CA ASN A 369 24.41 -27.11 8.51
C ASN A 369 25.30 -27.03 7.26
N MET A 370 25.26 -25.88 6.59
CA MET A 370 26.12 -25.60 5.45
C MET A 370 26.63 -24.18 5.56
N PRO A 371 27.49 -23.77 4.62
CA PRO A 371 27.73 -22.34 4.43
C PRO A 371 26.47 -21.68 3.85
N VAL A 372 26.14 -20.48 4.29
CA VAL A 372 24.88 -19.86 3.93
C VAL A 372 24.69 -19.73 2.41
N HIS A 373 25.79 -19.52 1.70
CA HIS A 373 25.70 -19.33 0.26
C HIS A 373 25.53 -20.67 -0.47
N MET A 374 25.69 -21.77 0.27
CA MET A 374 25.74 -23.11 -0.33
C MET A 374 24.41 -23.87 -0.32
N VAL A 375 23.39 -23.29 0.30
CA VAL A 375 22.10 -23.96 0.40
C VAL A 375 21.20 -23.51 -0.76
N PRO A 376 20.69 -24.47 -1.55
CA PRO A 376 19.99 -24.14 -2.80
C PRO A 376 18.67 -23.44 -2.55
N THR A 377 18.22 -22.63 -3.51
CA THR A 377 17.01 -21.84 -3.34
C THR A 377 15.83 -22.78 -3.12
N GLU A 378 15.74 -23.81 -3.96
CA GLU A 378 14.63 -24.72 -3.93
C GLU A 378 14.40 -25.28 -2.53
N LEU A 379 15.50 -25.52 -1.81
CA LEU A 379 15.45 -26.17 -0.49
C LEU A 379 14.93 -25.25 0.59
N VAL A 380 15.34 -23.99 0.56
CA VAL A 380 14.85 -22.99 1.51
C VAL A 380 13.37 -22.71 1.24
N GLU A 381 13.00 -22.68 -0.04
CA GLU A 381 11.61 -22.44 -0.44
C GLU A 381 10.70 -23.57 0.06
N LYS A 382 11.23 -24.80 0.01
CA LYS A 382 10.49 -25.96 0.49
C LYS A 382 10.30 -25.84 2.01
N GLU A 383 11.40 -25.63 2.73
CA GLU A 383 11.39 -25.60 4.20
C GLU A 383 10.61 -24.43 4.76
N PHE A 384 10.47 -23.37 3.96
CA PHE A 384 9.73 -22.19 4.39
C PHE A 384 8.24 -22.50 4.58
N TRP A 385 7.59 -22.96 3.51
CA TRP A 385 6.16 -23.28 3.50
C TRP A 385 5.83 -24.49 4.38
N ARG A 386 6.84 -25.28 4.68
CA ARG A 386 6.71 -26.38 5.62
C ARG A 386 6.42 -25.74 6.98
N LEU A 387 7.29 -24.81 7.38
CA LEU A 387 7.26 -24.23 8.71
C LEU A 387 5.99 -23.45 8.99
N VAL A 388 5.41 -22.87 7.94
CA VAL A 388 4.18 -22.10 8.08
C VAL A 388 3.02 -22.94 8.61
N SER A 389 2.71 -24.03 7.92
CA SER A 389 1.59 -24.90 8.29
C SER A 389 2.02 -25.89 9.37
N SER A 390 3.29 -25.85 9.76
CA SER A 390 3.82 -26.78 10.75
C SER A 390 3.72 -26.21 12.15
N ILE A 391 2.87 -26.85 12.97
CA ILE A 391 2.75 -26.52 14.37
C ILE A 391 3.70 -27.39 15.20
N GLU A 392 4.33 -28.37 14.57
CA GLU A 392 5.22 -29.28 15.28
C GLU A 392 6.48 -28.58 15.76
N GLU A 393 6.79 -27.42 15.18
CA GLU A 393 7.95 -26.64 15.58
C GLU A 393 7.77 -25.13 15.38
N ASP A 394 8.33 -24.35 16.31
CA ASP A 394 8.28 -22.89 16.29
C ASP A 394 9.60 -22.32 15.78
N VAL A 395 9.51 -21.41 14.81
CA VAL A 395 10.68 -20.75 14.26
C VAL A 395 10.46 -19.24 14.20
N ILE A 396 11.27 -18.51 14.96
CA ILE A 396 11.16 -17.05 15.08
C ILE A 396 12.24 -16.36 14.25
N VAL A 397 11.88 -15.24 13.64
CA VAL A 397 12.77 -14.55 12.70
C VAL A 397 12.63 -13.02 12.80
N GLU A 398 13.71 -12.32 12.45
CA GLU A 398 13.78 -10.85 12.56
C GLU A 398 13.98 -10.18 11.20
N TYR A 399 13.27 -9.07 10.98
CA TYR A 399 13.44 -8.28 9.77
C TYR A 399 13.43 -6.82 10.18
N GLY A 400 13.57 -5.92 9.21
CA GLY A 400 13.28 -4.53 9.48
C GLY A 400 12.81 -3.83 8.23
N ALA A 401 11.90 -2.86 8.46
CA ALA A 401 11.08 -2.26 7.40
C ALA A 401 10.33 -1.08 8.01
N ASP A 402 9.49 -0.43 7.21
CA ASP A 402 8.91 0.86 7.59
C ASP A 402 10.12 1.74 7.93
N ILE A 403 10.94 1.93 6.89
CA ILE A 403 12.23 2.61 6.98
C ILE A 403 12.34 3.45 5.72
N SER A 404 12.71 4.73 5.84
CA SER A 404 12.67 5.62 4.69
C SER A 404 14.03 6.16 4.31
N SER A 405 14.14 6.49 3.02
CA SER A 405 15.26 7.22 2.49
C SER A 405 15.32 8.57 3.17
N LYS A 406 14.16 9.11 3.49
CA LYS A 406 14.09 10.40 4.15
C LYS A 406 14.91 10.32 5.43
N ASP A 407 14.52 9.40 6.31
CA ASP A 407 15.11 9.31 7.64
C ASP A 407 16.51 8.62 7.69
N PHE A 408 16.62 7.43 7.11
CA PHE A 408 17.85 6.60 7.16
C PHE A 408 18.80 6.79 5.98
N GLY A 409 18.34 7.49 4.95
CA GLY A 409 19.11 7.71 3.74
C GLY A 409 18.96 6.61 2.71
N SER A 410 19.04 6.98 1.43
CA SER A 410 18.91 6.02 0.34
C SER A 410 20.18 5.18 0.17
N GLY A 411 20.03 3.96 -0.33
CA GLY A 411 21.18 3.11 -0.60
C GLY A 411 21.89 3.56 -1.88
N PHE A 412 21.35 4.59 -2.53
CA PHE A 412 21.87 5.07 -3.80
C PHE A 412 22.55 6.41 -3.60
N PRO A 413 23.55 6.71 -4.44
CA PRO A 413 24.01 8.08 -4.48
C PRO A 413 22.96 8.97 -5.10
N VAL A 414 22.93 10.22 -4.68
CA VAL A 414 22.00 11.20 -5.24
C VAL A 414 22.37 12.53 -4.64
N LYS A 415 22.01 13.62 -5.31
CA LYS A 415 22.54 14.90 -4.93
C LYS A 415 21.52 15.69 -4.16
N ASP A 416 21.65 15.69 -2.83
CA ASP A 416 21.12 16.75 -2.01
C ASP A 416 22.14 17.12 -0.95
N GLY A 417 22.96 18.13 -1.18
CA GLY A 417 23.59 18.92 -0.13
C GLY A 417 24.45 18.21 0.91
N ARG A 418 24.26 16.91 1.07
CA ARG A 418 24.73 16.22 2.27
C ARG A 418 26.11 15.64 2.02
N ARG A 419 26.46 15.56 0.75
CA ARG A 419 27.70 14.94 0.34
C ARG A 419 28.19 15.57 -0.93
N LYS A 420 29.50 15.75 -1.00
CA LYS A 420 30.09 15.94 -2.30
C LYS A 420 29.91 14.54 -2.92
N ILE A 421 29.48 14.50 -4.18
CA ILE A 421 29.31 13.23 -4.91
C ILE A 421 30.53 12.95 -5.78
N LEU A 422 31.07 11.74 -5.64
CA LEU A 422 32.28 11.33 -6.36
C LEU A 422 31.96 11.20 -7.84
N PRO A 423 32.95 11.49 -8.70
CA PRO A 423 32.74 11.43 -10.15
C PRO A 423 32.42 10.00 -10.62
N GLU A 424 32.90 9.00 -9.89
CA GLU A 424 32.54 7.62 -10.16
C GLU A 424 31.04 7.42 -9.97
N GLU A 425 30.50 8.08 -8.95
CA GLU A 425 29.09 7.96 -8.59
C GLU A 425 28.18 8.84 -9.43
N GLU A 426 28.74 9.87 -10.06
CA GLU A 426 27.95 10.87 -10.74
C GLU A 426 26.96 10.26 -11.74
N GLU A 427 27.41 9.22 -12.44
CA GLU A 427 26.57 8.51 -13.41
C GLU A 427 25.30 8.01 -12.72
N TYR A 428 25.49 7.23 -11.66
CA TYR A 428 24.40 6.50 -11.01
C TYR A 428 23.49 7.41 -10.20
N ALA A 429 24.02 8.56 -9.78
CA ALA A 429 23.19 9.51 -9.04
C ALA A 429 22.09 10.05 -9.95
N LEU A 430 22.41 10.24 -11.24
CA LEU A 430 21.49 10.82 -12.21
C LEU A 430 20.66 9.77 -12.95
N SER A 431 21.02 8.49 -12.79
CA SER A 431 20.36 7.43 -13.54
C SER A 431 18.86 7.38 -13.18
N GLY A 432 18.04 7.11 -14.20
CA GLY A 432 16.60 7.03 -14.01
C GLY A 432 16.18 5.74 -13.30
N TRP A 433 17.12 4.81 -13.22
CA TRP A 433 16.92 3.56 -12.48
C TRP A 433 17.33 3.73 -11.03
N ASN A 434 17.84 4.92 -10.69
CA ASN A 434 18.05 5.28 -9.29
C ASN A 434 16.67 5.57 -8.75
N LEU A 435 16.25 4.77 -7.78
CA LEU A 435 14.85 4.79 -7.34
C LEU A 435 14.44 6.13 -6.69
N ASN A 436 15.41 7.01 -6.50
CA ASN A 436 15.13 8.34 -6.01
C ASN A 436 14.57 9.19 -7.14
N ASN A 437 14.96 8.87 -8.36
CA ASN A 437 14.62 9.71 -9.51
C ASN A 437 13.35 9.32 -10.25
N MET A 438 12.82 8.14 -9.97
CA MET A 438 11.69 7.65 -10.75
C MET A 438 10.44 8.52 -10.64
N PRO A 439 10.06 8.86 -9.40
CA PRO A 439 8.87 9.72 -9.19
C PRO A 439 8.87 11.05 -9.95
N VAL A 440 10.05 11.58 -10.26
CA VAL A 440 10.18 12.88 -10.93
C VAL A 440 10.39 12.77 -12.45
N LEU A 441 10.52 11.54 -12.96
CA LEU A 441 10.65 11.33 -14.41
C LEU A 441 9.41 11.83 -15.14
N GLU A 442 9.59 12.36 -16.34
CA GLU A 442 8.52 13.08 -17.03
C GLU A 442 7.27 12.24 -17.30
N GLN A 443 7.41 10.93 -17.26
CA GLN A 443 6.28 10.02 -17.47
C GLN A 443 5.61 9.60 -16.17
N SER A 444 6.20 10.01 -15.03
CA SER A 444 5.58 9.80 -13.72
C SER A 444 4.55 10.89 -13.38
N VAL A 445 3.52 10.50 -12.63
CA VAL A 445 2.43 11.42 -12.30
C VAL A 445 2.85 12.32 -11.14
N LEU A 446 3.55 11.75 -10.17
CA LEU A 446 3.97 12.45 -8.97
C LEU A 446 5.08 13.47 -9.26
N ALA A 447 5.43 13.57 -10.54
CA ALA A 447 6.35 14.56 -11.11
C ALA A 447 5.65 15.92 -11.05
N HIS A 448 5.87 16.79 -12.03
CA HIS A 448 5.78 18.25 -11.91
C HIS A 448 4.78 18.78 -10.88
N ILE A 449 3.80 17.98 -10.46
CA ILE A 449 2.92 18.44 -9.39
C ILE A 449 3.86 18.85 -8.24
N ASN A 450 3.86 20.14 -7.90
CA ASN A 450 4.53 20.58 -6.69
C ASN A 450 3.33 20.82 -5.85
N VAL A 451 3.00 19.79 -5.08
CA VAL A 451 1.66 19.71 -4.52
C VAL A 451 1.64 19.24 -3.09
N ASP A 452 1.94 17.95 -2.93
CA ASP A 452 1.75 17.27 -1.67
C ASP A 452 2.57 15.99 -1.58
N ILE A 453 2.74 15.51 -0.37
CA ILE A 453 3.37 14.24 -0.09
C ILE A 453 2.37 13.14 -0.37
N SER A 454 2.76 12.21 -1.23
CA SER A 454 1.95 11.02 -1.44
C SER A 454 2.37 9.91 -0.48
N GLY A 455 3.52 10.09 0.14
CA GLY A 455 4.10 9.07 1.00
C GLY A 455 4.97 8.12 0.20
N MET A 456 4.68 7.97 -1.11
CA MET A 456 5.67 7.39 -2.01
C MET A 456 6.06 8.40 -3.10
N LYS A 457 7.01 9.28 -2.78
CA LYS A 457 7.94 9.90 -3.72
C LYS A 457 9.34 9.49 -3.33
N VAL A 458 9.44 8.72 -2.26
CA VAL A 458 10.72 8.48 -1.62
C VAL A 458 10.87 6.97 -1.34
N PRO A 459 12.07 6.40 -1.59
CA PRO A 459 12.18 4.94 -1.41
C PRO A 459 12.14 4.45 0.04
N TRP A 460 11.85 3.16 0.22
CA TRP A 460 11.79 2.54 1.53
C TRP A 460 12.79 1.40 1.55
N LEU A 461 13.20 0.98 2.74
CA LEU A 461 14.26 -0.01 2.85
C LEU A 461 13.78 -1.26 3.54
N TYR A 462 14.13 -2.42 2.98
CA TYR A 462 13.81 -3.68 3.61
C TYR A 462 15.10 -4.45 3.86
N VAL A 463 15.46 -4.57 5.13
CA VAL A 463 16.60 -5.41 5.49
C VAL A 463 16.00 -6.75 5.92
N GLY A 464 16.63 -7.84 5.51
CA GLY A 464 16.02 -9.16 5.62
C GLY A 464 16.97 -10.30 5.95
N MET A 465 16.35 -11.39 6.37
CA MET A 465 17.03 -12.54 6.95
C MET A 465 16.63 -13.76 6.14
N CYS A 466 17.10 -14.93 6.57
CA CYS A 466 16.55 -16.17 6.04
C CYS A 466 15.15 -16.36 6.65
N PHE A 467 14.17 -16.72 5.81
CA PHE A 467 12.79 -17.00 6.23
C PHE A 467 11.93 -15.76 6.50
N SER A 468 12.55 -14.58 6.50
CA SER A 468 11.79 -13.34 6.67
C SER A 468 10.87 -13.27 5.46
N SER A 469 9.63 -12.82 5.68
CA SER A 469 8.59 -12.89 4.66
C SER A 469 7.73 -11.63 4.61
N PHE A 470 6.99 -11.49 3.53
CA PHE A 470 5.99 -10.44 3.43
C PHE A 470 4.70 -11.02 2.82
N CYS A 471 3.60 -10.84 3.55
CA CYS A 471 2.32 -11.45 3.21
C CYS A 471 1.70 -10.87 1.94
N TRP A 472 0.74 -11.62 1.38
CA TRP A 472 -0.02 -11.22 0.20
C TRP A 472 -0.61 -9.83 0.37
N HIS A 473 -0.48 -9.01 -0.67
CA HIS A 473 -0.95 -7.64 -0.61
C HIS A 473 -0.79 -6.94 -1.93
N ILE A 474 -1.51 -5.84 -2.07
CA ILE A 474 -1.36 -4.95 -3.22
C ILE A 474 -0.97 -3.60 -2.67
N GLU A 475 -0.43 -2.74 -3.51
CA GLU A 475 0.05 -1.44 -3.07
C GLU A 475 -1.12 -0.44 -2.86
N ASP A 476 -0.92 0.54 -1.97
CA ASP A 476 -1.95 1.54 -1.74
C ASP A 476 -2.29 2.24 -3.04
N HIS A 477 -3.57 2.44 -3.27
CA HIS A 477 -4.07 2.97 -4.54
C HIS A 477 -3.62 2.10 -5.68
N TRP A 478 -3.37 0.83 -5.35
CA TRP A 478 -2.94 -0.15 -6.34
C TRP A 478 -1.61 0.28 -6.99
N SER A 479 -1.61 0.55 -8.27
CA SER A 479 -0.40 1.02 -8.95
C SER A 479 0.85 0.14 -8.83
N TYR A 480 2.01 0.78 -8.92
CA TYR A 480 3.21 0.03 -9.26
C TYR A 480 4.15 0.07 -8.09
N SER A 481 5.02 -0.92 -7.99
CA SER A 481 6.14 -0.82 -7.09
C SER A 481 7.35 -1.42 -7.79
N ILE A 482 8.46 -0.68 -7.81
CA ILE A 482 9.71 -1.24 -8.31
C ILE A 482 10.69 -1.47 -7.16
N ASN A 483 11.42 -2.57 -7.22
CA ASN A 483 12.26 -3.00 -6.12
C ASN A 483 13.64 -3.41 -6.59
N TYR A 484 14.65 -2.70 -6.09
CA TYR A 484 16.05 -3.02 -6.36
C TYR A 484 16.70 -3.75 -5.17
N LEU A 485 17.26 -4.94 -5.41
CA LEU A 485 18.03 -5.61 -4.37
C LEU A 485 19.49 -5.13 -4.49
N HIS A 486 19.93 -4.34 -3.51
CA HIS A 486 21.27 -3.74 -3.54
C HIS A 486 22.34 -4.81 -3.44
N TRP A 487 22.17 -5.70 -2.47
CA TRP A 487 23.10 -6.81 -2.27
C TRP A 487 22.54 -7.87 -1.33
N GLY A 488 23.31 -8.94 -1.14
CA GLY A 488 22.92 -10.01 -0.24
C GLY A 488 22.33 -11.20 -0.98
N GLU A 489 21.90 -12.20 -0.21
CA GLU A 489 21.31 -13.40 -0.78
C GLU A 489 19.94 -13.05 -1.41
N PRO A 490 19.39 -13.96 -2.24
CA PRO A 490 18.22 -13.63 -3.09
C PRO A 490 16.87 -13.48 -2.39
N LYS A 491 15.98 -12.73 -3.05
CA LYS A 491 14.64 -12.48 -2.55
C LYS A 491 13.61 -13.16 -3.45
N THR A 492 12.83 -14.07 -2.87
CA THR A 492 11.82 -14.82 -3.60
C THR A 492 10.47 -14.08 -3.67
N TRP A 493 9.88 -14.03 -4.86
CA TRP A 493 8.61 -13.35 -5.08
C TRP A 493 7.58 -14.34 -5.56
N TYR A 494 6.31 -14.01 -5.30
CA TYR A 494 5.18 -14.71 -5.92
C TYR A 494 4.21 -13.67 -6.45
N GLY A 495 4.04 -13.64 -7.76
CA GLY A 495 3.16 -12.68 -8.40
C GLY A 495 1.81 -13.26 -8.78
N VAL A 496 0.83 -12.37 -8.97
CA VAL A 496 -0.45 -12.76 -9.52
C VAL A 496 -0.92 -11.66 -10.47
N PRO A 497 -1.50 -12.03 -11.63
CA PRO A 497 -1.92 -10.95 -12.54
C PRO A 497 -3.01 -10.05 -11.96
N SER A 498 -3.20 -8.87 -12.55
CA SER A 498 -4.21 -7.94 -12.09
C SER A 498 -5.57 -8.45 -12.50
N HIS A 499 -5.63 -9.32 -13.50
CA HIS A 499 -6.92 -9.83 -13.96
C HIS A 499 -7.42 -10.99 -13.09
N ALA A 500 -6.53 -11.51 -12.25
CA ALA A 500 -6.84 -12.58 -11.30
C ALA A 500 -7.15 -12.05 -9.90
N ALA A 501 -7.19 -10.71 -9.77
CA ALA A 501 -7.23 -10.10 -8.45
C ALA A 501 -8.54 -10.35 -7.73
N GLU A 502 -9.64 -10.13 -8.44
CA GLU A 502 -10.97 -10.32 -7.86
C GLU A 502 -11.10 -11.79 -7.48
N GLN A 503 -10.56 -12.64 -8.35
CA GLN A 503 -10.59 -14.08 -8.17
C GLN A 503 -9.76 -14.51 -6.95
N LEU A 504 -8.60 -13.89 -6.76
CA LEU A 504 -7.78 -14.14 -5.58
C LEU A 504 -8.56 -13.81 -4.30
N GLU A 505 -9.05 -12.58 -4.21
CA GLU A 505 -9.79 -12.13 -3.04
C GLU A 505 -10.98 -13.03 -2.72
N GLU A 506 -11.51 -13.69 -3.76
CA GLU A 506 -12.70 -14.53 -3.65
C GLU A 506 -12.43 -15.85 -2.91
N VAL A 507 -11.29 -16.47 -3.16
CA VAL A 507 -11.01 -17.75 -2.52
C VAL A 507 -10.67 -17.55 -1.05
N MET A 508 -10.05 -16.40 -0.72
CA MET A 508 -9.71 -16.10 0.66
C MET A 508 -10.98 -15.83 1.44
N ARG A 509 -11.93 -15.23 0.74
CA ARG A 509 -13.23 -14.88 1.29
C ARG A 509 -14.04 -16.14 1.63
N GLU A 510 -13.82 -17.21 0.88
CA GLU A 510 -14.54 -18.46 1.08
C GLU A 510 -14.35 -19.00 2.50
N LEU A 511 -13.32 -18.49 3.18
CA LEU A 511 -12.98 -19.00 4.51
C LEU A 511 -13.87 -18.46 5.62
N ALA A 512 -14.40 -17.25 5.45
CA ALA A 512 -15.41 -16.76 6.37
C ALA A 512 -16.42 -15.85 5.67
N PRO A 513 -17.31 -16.42 4.85
CA PRO A 513 -18.21 -15.60 4.04
C PRO A 513 -19.12 -14.72 4.89
N GLU A 514 -19.72 -15.29 5.93
CA GLU A 514 -20.61 -14.55 6.79
C GLU A 514 -19.90 -13.37 7.44
N LEU A 515 -18.70 -13.62 7.94
CA LEU A 515 -17.90 -12.61 8.64
C LEU A 515 -17.41 -11.49 7.72
N PHE A 516 -16.98 -11.85 6.52
CA PHE A 516 -16.47 -10.87 5.56
C PHE A 516 -17.58 -10.01 4.94
N GLU A 517 -18.83 -10.41 5.17
CA GLU A 517 -19.97 -9.60 4.74
C GLU A 517 -20.00 -8.37 5.64
N SER A 518 -20.01 -8.63 6.94
CA SER A 518 -20.12 -7.57 7.93
C SER A 518 -18.88 -6.68 7.93
N GLN A 519 -17.73 -7.27 7.62
CA GLN A 519 -16.45 -6.56 7.63
C GLN A 519 -15.78 -6.70 6.27
N PRO A 520 -16.28 -5.97 5.27
CA PRO A 520 -15.78 -6.10 3.89
C PRO A 520 -14.26 -5.91 3.79
N ASP A 521 -13.74 -4.91 4.51
CA ASP A 521 -12.32 -4.54 4.39
C ASP A 521 -11.46 -5.35 5.35
N LEU A 522 -12.09 -6.09 6.25
CA LEU A 522 -11.36 -6.96 7.17
C LEU A 522 -10.58 -8.03 6.39
N LEU A 523 -11.05 -8.32 5.17
CA LEU A 523 -10.37 -9.25 4.28
C LEU A 523 -8.94 -8.76 4.02
N HIS A 524 -8.83 -7.51 3.58
CA HIS A 524 -7.54 -6.89 3.30
C HIS A 524 -6.75 -6.68 4.59
N GLN A 525 -7.45 -6.27 5.65
CA GLN A 525 -6.82 -6.00 6.95
C GLN A 525 -6.11 -7.23 7.53
N LEU A 526 -6.62 -8.41 7.25
CA LEU A 526 -6.03 -9.63 7.78
C LEU A 526 -4.94 -10.12 6.85
N VAL A 527 -3.73 -10.21 7.39
CA VAL A 527 -2.59 -10.71 6.61
C VAL A 527 -2.71 -12.22 6.47
N THR A 528 -2.29 -12.72 5.31
CA THR A 528 -2.28 -14.14 5.04
C THR A 528 -1.12 -14.48 4.15
N ILE A 529 -0.44 -15.59 4.42
CA ILE A 529 0.32 -16.23 3.37
C ILE A 529 -0.41 -17.51 2.97
N MET A 530 -1.13 -17.42 1.86
CA MET A 530 -1.87 -18.54 1.39
C MET A 530 -0.89 -19.18 0.45
N ASN A 531 -0.57 -20.45 0.71
CA ASN A 531 0.38 -21.17 -0.12
C ASN A 531 -0.07 -21.03 -1.60
N PRO A 532 0.85 -20.63 -2.48
CA PRO A 532 0.56 -20.55 -3.93
C PRO A 532 -0.11 -21.82 -4.46
N ASN A 533 0.28 -22.97 -3.93
CA ASN A 533 -0.31 -24.24 -4.30
C ASN A 533 -1.83 -24.22 -4.16
N VAL A 534 -2.30 -23.57 -3.09
CA VAL A 534 -3.73 -23.50 -2.80
C VAL A 534 -4.43 -22.55 -3.77
N LEU A 535 -3.76 -21.45 -4.10
CA LEU A 535 -4.31 -20.48 -5.04
C LEU A 535 -4.35 -21.06 -6.44
N MET A 536 -3.36 -21.89 -6.73
CA MET A 536 -3.27 -22.53 -8.04
C MET A 536 -4.42 -23.50 -8.25
N GLU A 537 -4.67 -24.37 -7.27
CA GLU A 537 -5.71 -25.38 -7.39
C GLU A 537 -7.12 -24.77 -7.36
N HIS A 538 -7.18 -23.48 -7.02
CA HIS A 538 -8.42 -22.70 -7.12
C HIS A 538 -8.49 -21.90 -8.43
N GLY A 539 -7.49 -22.06 -9.28
CA GLY A 539 -7.52 -21.55 -10.63
C GLY A 539 -6.85 -20.19 -10.79
N VAL A 540 -6.14 -19.75 -9.75
CA VAL A 540 -5.50 -18.43 -9.77
C VAL A 540 -4.08 -18.53 -10.33
N PRO A 541 -3.78 -17.78 -11.40
CA PRO A 541 -2.41 -17.79 -11.91
C PRO A 541 -1.42 -17.29 -10.85
N VAL A 542 -0.39 -18.08 -10.60
CA VAL A 542 0.66 -17.67 -9.67
C VAL A 542 2.03 -17.91 -10.30
N TYR A 543 2.76 -16.83 -10.54
CA TYR A 543 4.11 -16.93 -11.07
C TYR A 543 5.11 -16.62 -9.96
N ARG A 544 6.39 -16.64 -10.28
CA ARG A 544 7.40 -16.46 -9.25
C ARG A 544 8.75 -16.16 -9.87
N THR A 545 9.72 -15.92 -9.01
CA THR A 545 11.08 -15.65 -9.44
C THR A 545 11.99 -15.48 -8.23
N ASN A 546 13.29 -15.65 -8.48
CA ASN A 546 14.31 -15.38 -7.49
C ASN A 546 15.00 -14.08 -7.88
N GLN A 547 14.86 -13.07 -7.01
CA GLN A 547 15.51 -11.79 -7.21
C GLN A 547 16.89 -11.89 -6.59
N CYS A 548 17.91 -11.68 -7.42
CA CYS A 548 19.29 -11.85 -7.01
C CYS A 548 19.93 -10.47 -7.05
N ALA A 549 20.97 -10.27 -6.25
CA ALA A 549 21.55 -8.95 -6.02
C ALA A 549 21.82 -8.24 -7.35
N GLY A 550 21.36 -6.99 -7.45
CA GLY A 550 21.59 -6.16 -8.62
C GLY A 550 20.46 -6.20 -9.62
N GLU A 551 19.37 -6.88 -9.26
CA GLU A 551 18.20 -7.01 -10.13
C GLU A 551 16.97 -6.20 -9.66
N PHE A 552 16.16 -5.78 -10.62
CA PHE A 552 14.93 -5.04 -10.36
C PHE A 552 13.74 -5.98 -10.43
N VAL A 553 12.74 -5.72 -9.58
CA VAL A 553 11.44 -6.38 -9.71
C VAL A 553 10.38 -5.29 -9.84
N VAL A 554 9.56 -5.39 -10.87
CA VAL A 554 8.46 -4.46 -11.05
C VAL A 554 7.15 -5.18 -10.74
N THR A 555 6.28 -4.49 -10.03
CA THR A 555 4.97 -4.99 -9.65
C THR A 555 3.96 -4.10 -10.33
N PHE A 556 3.04 -4.70 -11.08
CA PHE A 556 2.06 -3.96 -11.85
C PHE A 556 0.77 -3.70 -11.06
N PRO A 557 -0.03 -2.70 -11.47
CA PRO A 557 -1.24 -2.32 -10.74
C PRO A 557 -2.16 -3.47 -10.39
N ARG A 558 -2.51 -3.55 -9.12
CA ARG A 558 -3.40 -4.60 -8.60
C ARG A 558 -2.88 -6.02 -8.86
N ALA A 559 -1.56 -6.17 -8.91
CA ALA A 559 -0.96 -7.49 -8.95
C ALA A 559 -0.57 -7.93 -7.53
N TYR A 560 -1.35 -8.84 -6.95
CA TYR A 560 -1.08 -9.32 -5.60
C TYR A 560 0.30 -9.95 -5.57
N HIS A 561 1.10 -9.61 -4.57
CA HIS A 561 2.42 -10.22 -4.46
C HIS A 561 2.77 -10.57 -3.02
N SER A 562 3.71 -11.49 -2.86
CA SER A 562 4.19 -11.89 -1.55
C SER A 562 5.55 -12.52 -1.73
N GLY A 563 6.15 -12.99 -0.65
CA GLY A 563 7.42 -13.66 -0.78
C GLY A 563 8.20 -13.79 0.51
N PHE A 564 9.46 -14.18 0.35
CA PHE A 564 10.37 -14.33 1.47
C PHE A 564 11.81 -14.13 0.99
N ASN A 565 12.72 -13.92 1.94
CA ASN A 565 14.13 -13.71 1.63
C ASN A 565 14.91 -15.00 1.89
N GLN A 566 15.91 -15.25 1.04
CA GLN A 566 16.72 -16.46 1.10
C GLN A 566 17.75 -16.36 2.22
N GLY A 567 18.26 -15.15 2.45
CA GLY A 567 19.26 -14.93 3.48
C GLY A 567 19.45 -13.45 3.73
N TYR A 568 20.53 -13.09 4.41
CA TYR A 568 20.82 -11.69 4.70
C TYR A 568 20.89 -10.83 3.42
N ASN A 569 20.07 -9.79 3.37
CA ASN A 569 20.11 -8.87 2.23
C ASN A 569 19.60 -7.47 2.54
N PHE A 570 19.71 -6.59 1.55
CA PHE A 570 19.28 -5.21 1.66
C PHE A 570 18.60 -4.80 0.37
N ALA A 571 17.36 -4.36 0.45
CA ALA A 571 16.57 -4.00 -0.72
C ALA A 571 16.06 -2.57 -0.61
N GLU A 572 15.65 -2.00 -1.73
CA GLU A 572 15.10 -0.65 -1.77
C GLU A 572 13.95 -0.58 -2.77
N ALA A 573 12.82 0.00 -2.37
CA ALA A 573 11.62 0.02 -3.22
C ALA A 573 10.84 1.32 -3.18
N VAL A 574 10.17 1.64 -4.27
CA VAL A 574 9.33 2.82 -4.35
C VAL A 574 8.06 2.43 -5.09
N ASN A 575 6.98 3.18 -4.89
CA ASN A 575 5.83 3.00 -5.76
C ASN A 575 5.86 4.06 -6.83
N PHE A 576 4.98 3.94 -7.81
CA PHE A 576 4.89 4.95 -8.85
C PHE A 576 3.67 4.73 -9.72
N CYS A 577 3.47 5.66 -10.65
CA CYS A 577 2.23 5.75 -11.40
C CYS A 577 2.52 6.33 -12.77
N THR A 578 1.73 5.89 -13.73
CA THR A 578 1.96 6.16 -15.14
C THR A 578 0.63 6.43 -15.83
N ALA A 579 0.70 6.94 -17.05
CA ALA A 579 -0.49 7.26 -17.83
C ALA A 579 -1.48 6.09 -17.84
N ASP A 580 -0.98 4.89 -18.09
CA ASP A 580 -1.84 3.70 -18.14
C ASP A 580 -2.55 3.43 -16.81
N TRP A 581 -1.99 3.95 -15.72
CA TRP A 581 -2.50 3.70 -14.38
C TRP A 581 -3.72 4.54 -14.01
N LEU A 582 -3.73 5.79 -14.50
CA LEU A 582 -4.75 6.80 -14.14
C LEU A 582 -6.19 6.25 -14.06
N PRO A 583 -6.65 5.60 -15.14
CA PRO A 583 -8.00 5.01 -15.09
C PRO A 583 -8.14 3.90 -14.05
N ILE A 584 -7.04 3.20 -13.74
CA ILE A 584 -7.06 2.17 -12.70
C ILE A 584 -7.20 2.87 -11.35
N GLY A 585 -6.49 3.98 -11.19
CA GLY A 585 -6.48 4.71 -9.95
C GLY A 585 -7.87 5.18 -9.59
N ARG A 586 -8.61 5.66 -10.60
CA ARG A 586 -9.99 6.07 -10.38
C ARG A 586 -10.85 4.89 -9.95
N GLN A 587 -10.64 3.74 -10.58
CA GLN A 587 -11.36 2.51 -10.25
C GLN A 587 -11.06 2.05 -8.82
N CYS A 588 -9.88 2.41 -8.34
CA CYS A 588 -9.44 1.98 -7.02
C CYS A 588 -10.18 2.74 -5.92
N VAL A 589 -10.30 4.06 -6.11
CA VAL A 589 -11.01 4.90 -5.15
C VAL A 589 -12.44 4.38 -5.02
N ASN A 590 -13.02 4.07 -6.17
CA ASN A 590 -14.39 3.56 -6.22
C ASN A 590 -14.52 2.26 -5.43
N HIS A 591 -13.47 1.45 -5.43
CA HIS A 591 -13.45 0.24 -4.62
C HIS A 591 -13.12 0.57 -3.15
N TYR A 592 -12.23 1.54 -2.95
CA TYR A 592 -11.92 2.03 -1.60
C TYR A 592 -13.12 2.77 -1.03
N ARG A 593 -13.98 3.25 -1.91
CA ARG A 593 -15.21 3.92 -1.51
C ARG A 593 -16.28 2.88 -1.15
N ARG A 594 -16.29 1.76 -1.85
CA ARG A 594 -17.28 0.70 -1.60
C ARG A 594 -16.92 -0.13 -0.37
N LEU A 595 -15.63 -0.21 -0.05
CA LEU A 595 -15.21 -0.58 1.31
C LEU A 595 -15.26 0.70 2.14
N ARG A 596 -14.96 0.60 3.42
CA ARG A 596 -14.68 1.81 4.18
C ARG A 596 -13.18 1.84 4.30
N ARG A 597 -12.56 2.68 3.48
CA ARG A 597 -11.11 2.69 3.33
C ARG A 597 -10.61 4.11 3.14
N HIS A 598 -9.68 4.52 4.00
CA HIS A 598 -9.10 5.85 3.91
C HIS A 598 -8.16 5.93 2.72
N CYS A 599 -8.32 6.99 1.93
CA CYS A 599 -7.47 7.20 0.77
C CYS A 599 -6.22 7.97 1.18
N VAL A 600 -5.07 7.56 0.66
CA VAL A 600 -3.81 8.23 0.99
C VAL A 600 -3.63 9.53 0.21
N PHE A 601 -4.52 9.78 -0.74
CA PHE A 601 -4.67 11.09 -1.36
C PHE A 601 -5.92 11.12 -2.24
N SER A 602 -6.25 12.28 -2.78
CA SER A 602 -7.42 12.45 -3.64
C SER A 602 -7.07 12.29 -5.10
N HIS A 603 -7.61 11.24 -5.73
CA HIS A 603 -7.32 10.95 -7.12
C HIS A 603 -7.70 12.10 -8.04
N GLU A 604 -8.90 12.64 -7.84
CA GLU A 604 -9.40 13.70 -8.72
C GLU A 604 -8.59 14.99 -8.55
N GLU A 605 -8.18 15.29 -7.32
CA GLU A 605 -7.31 16.44 -7.04
C GLU A 605 -6.03 16.35 -7.86
N LEU A 606 -5.48 15.14 -7.93
CA LEU A 606 -4.28 14.85 -8.69
C LEU A 606 -4.48 15.23 -10.15
N ILE A 607 -5.58 14.75 -10.72
CA ILE A 607 -5.89 14.97 -12.13
C ILE A 607 -5.94 16.46 -12.47
N PHE A 608 -6.53 17.26 -11.58
CA PHE A 608 -6.66 18.68 -11.85
C PHE A 608 -5.33 19.42 -11.67
N LYS A 609 -4.51 18.94 -10.74
CA LYS A 609 -3.19 19.53 -10.56
C LYS A 609 -2.36 19.31 -11.81
N MET A 610 -2.60 18.18 -12.47
CA MET A 610 -1.92 17.85 -13.73
C MET A 610 -2.48 18.70 -14.85
N ALA A 611 -3.80 18.84 -14.89
CA ALA A 611 -4.47 19.55 -15.96
C ALA A 611 -4.15 21.04 -15.91
N ALA A 612 -3.76 21.52 -14.72
CA ALA A 612 -3.53 22.95 -14.48
C ALA A 612 -2.13 23.41 -14.91
N ASP A 613 -1.33 22.47 -15.41
CA ASP A 613 -0.04 22.80 -16.01
C ASP A 613 0.19 21.91 -17.23
N PRO A 614 -0.57 22.15 -18.31
CA PRO A 614 -0.56 21.30 -19.50
C PRO A 614 0.79 21.23 -20.22
N GLU A 615 1.49 22.35 -20.32
CA GLU A 615 2.81 22.36 -20.92
C GLU A 615 3.76 21.54 -20.04
N CYS A 616 4.89 21.13 -20.62
CA CYS A 616 5.92 20.37 -19.90
C CYS A 616 5.34 19.15 -19.19
N LEU A 617 4.24 18.65 -19.74
CA LEU A 617 3.58 17.45 -19.24
C LEU A 617 3.67 16.41 -20.36
N ASP A 618 4.09 15.19 -20.02
CA ASP A 618 4.21 14.14 -21.01
C ASP A 618 2.90 13.97 -21.78
N VAL A 619 2.99 13.97 -23.11
CA VAL A 619 1.84 13.90 -23.98
C VAL A 619 0.99 12.63 -23.74
N GLY A 620 1.62 11.59 -23.20
CA GLY A 620 0.91 10.38 -22.85
C GLY A 620 -0.11 10.66 -21.77
N LEU A 621 0.32 11.40 -20.76
CA LEU A 621 -0.54 11.79 -19.64
C LEU A 621 -1.69 12.66 -20.15
N ALA A 622 -1.34 13.75 -20.84
CA ALA A 622 -2.31 14.72 -21.33
C ALA A 622 -3.47 14.05 -22.06
N ALA A 623 -3.13 13.13 -22.95
CA ALA A 623 -4.13 12.39 -23.72
C ALA A 623 -5.07 11.65 -22.78
N MET A 624 -4.46 10.89 -21.87
CA MET A 624 -5.19 10.05 -20.92
C MET A 624 -6.01 10.89 -19.96
N VAL A 625 -5.46 12.02 -19.55
CA VAL A 625 -6.14 12.95 -18.66
C VAL A 625 -7.48 13.39 -19.25
N CYS A 626 -7.46 13.81 -20.52
CA CYS A 626 -8.68 14.24 -21.20
C CYS A 626 -9.76 13.17 -21.12
N LYS A 627 -9.38 11.95 -21.53
CA LYS A 627 -10.29 10.82 -21.51
C LYS A 627 -10.83 10.61 -20.09
N GLU A 628 -9.96 10.77 -19.10
CA GLU A 628 -10.29 10.54 -17.70
C GLU A 628 -11.06 11.70 -17.05
N LEU A 629 -10.82 12.91 -17.53
CA LEU A 629 -11.42 14.09 -16.94
C LEU A 629 -12.85 14.30 -17.42
N THR A 630 -13.07 14.06 -18.71
CA THR A 630 -14.40 14.13 -19.30
C THR A 630 -15.36 13.15 -18.62
N LEU A 631 -14.82 12.06 -18.08
CA LEU A 631 -15.62 11.05 -17.38
C LEU A 631 -16.02 11.56 -16.01
N MET A 632 -15.17 12.42 -15.44
CA MET A 632 -15.42 13.00 -14.14
C MET A 632 -16.43 14.13 -14.25
N THR A 633 -16.24 14.99 -15.26
CA THR A 633 -17.14 16.13 -15.47
C THR A 633 -18.59 15.65 -15.63
N GLU A 634 -18.77 14.61 -16.44
CA GLU A 634 -20.07 14.00 -16.61
C GLU A 634 -20.58 13.44 -15.29
N GLU A 635 -19.76 12.57 -14.68
CA GLU A 635 -20.12 11.91 -13.44
C GLU A 635 -20.42 12.92 -12.33
N GLU A 636 -19.68 14.02 -12.33
CA GLU A 636 -19.85 15.03 -11.28
C GLU A 636 -21.11 15.85 -11.51
N THR A 637 -21.36 16.20 -12.77
CA THR A 637 -22.56 16.96 -13.13
C THR A 637 -23.81 16.15 -12.78
N ARG A 638 -23.71 14.83 -12.93
CA ARG A 638 -24.80 13.94 -12.54
C ARG A 638 -25.02 14.02 -11.03
N LEU A 639 -23.91 14.12 -10.30
CA LEU A 639 -23.95 14.23 -8.84
C LEU A 639 -24.36 15.64 -8.39
N ARG A 640 -24.04 16.64 -9.21
CA ARG A 640 -24.33 18.03 -8.89
C ARG A 640 -25.81 18.36 -9.13
N GLU A 641 -26.39 17.72 -10.14
CA GLU A 641 -27.82 17.89 -10.46
C GLU A 641 -28.70 16.88 -9.71
N SER A 642 -28.09 15.83 -9.16
CA SER A 642 -28.83 14.81 -8.42
C SER A 642 -29.11 15.31 -7.01
N VAL A 643 -28.26 16.20 -6.51
CA VAL A 643 -28.37 16.70 -5.15
C VAL A 643 -29.41 17.82 -5.01
N VAL A 644 -29.72 18.52 -6.10
CA VAL A 644 -30.70 19.63 -6.06
C VAL A 644 -32.13 19.11 -5.95
N GLN A 645 -32.41 17.98 -6.61
CA GLN A 645 -33.71 17.31 -6.46
C GLN A 645 -33.93 16.96 -4.99
N MET A 646 -32.85 16.66 -4.30
CA MET A 646 -32.89 16.29 -2.90
C MET A 646 -33.21 17.50 -2.01
N GLY A 647 -33.34 18.67 -2.62
CA GLY A 647 -33.74 19.89 -1.91
C GLY A 647 -32.63 20.65 -1.18
N VAL A 648 -31.49 20.79 -1.84
CA VAL A 648 -30.45 21.72 -1.41
C VAL A 648 -30.55 22.97 -2.28
N LEU A 649 -30.28 24.13 -1.70
CA LEU A 649 -30.40 25.39 -2.42
C LEU A 649 -29.07 26.13 -2.43
N MET A 650 -28.65 26.57 -1.25
CA MET A 650 -27.42 27.33 -1.08
C MET A 650 -26.22 26.53 -1.59
N SER A 651 -25.26 27.23 -2.21
CA SER A 651 -24.01 26.60 -2.64
C SER A 651 -22.79 27.41 -2.27
N GLU A 652 -21.98 26.90 -1.35
CA GLU A 652 -20.75 27.57 -0.96
C GLU A 652 -19.61 27.11 -1.87
N GLU A 653 -18.44 27.72 -1.72
CA GLU A 653 -17.27 27.35 -2.50
C GLU A 653 -16.05 27.24 -1.61
N GLU A 654 -15.48 26.04 -1.54
CA GLU A 654 -14.33 25.81 -0.68
C GLU A 654 -13.11 25.37 -1.50
N VAL A 655 -11.93 25.61 -0.94
CA VAL A 655 -10.68 25.14 -1.53
C VAL A 655 -10.24 23.91 -0.75
N PHE A 656 -10.44 22.74 -1.33
CA PHE A 656 -10.36 21.51 -0.56
C PHE A 656 -8.93 21.08 -0.29
N GLU A 657 -8.05 21.34 -1.25
CA GLU A 657 -6.67 20.84 -1.19
C GLU A 657 -5.96 21.44 0.01
N LEU A 658 -6.37 22.65 0.40
CA LEU A 658 -5.68 23.38 1.45
C LEU A 658 -6.13 22.96 2.83
N VAL A 659 -7.27 22.26 2.90
CA VAL A 659 -7.76 21.74 4.18
C VAL A 659 -7.19 20.33 4.39
N PRO A 660 -6.85 19.99 5.65
CA PRO A 660 -6.21 18.68 5.94
C PRO A 660 -7.07 17.49 5.50
N ASP A 661 -6.43 16.41 5.07
CA ASP A 661 -7.13 15.25 4.52
C ASP A 661 -8.24 14.70 5.42
N ASP A 662 -8.00 14.60 6.72
CA ASP A 662 -8.94 13.96 7.63
C ASP A 662 -10.18 14.83 7.91
N GLU A 663 -10.09 16.13 7.63
CA GLU A 663 -11.24 17.02 7.76
C GLU A 663 -12.10 17.11 6.49
N ARG A 664 -11.54 16.68 5.35
CA ARG A 664 -12.27 16.63 4.08
C ARG A 664 -12.81 15.22 3.74
N GLN A 665 -12.72 14.29 4.68
CA GLN A 665 -13.27 12.95 4.45
C GLN A 665 -14.79 12.99 4.45
N CYS A 666 -15.40 11.84 4.21
CA CYS A 666 -16.84 11.73 4.15
C CYS A 666 -17.30 11.01 5.43
N SER A 667 -18.51 11.34 5.91
CA SER A 667 -18.98 10.87 7.20
C SER A 667 -18.83 9.36 7.32
N ALA A 668 -19.47 8.62 6.41
CA ALA A 668 -19.08 7.24 6.18
C ALA A 668 -18.86 7.02 4.69
N CYS A 669 -17.59 6.91 4.31
CA CYS A 669 -17.21 6.46 2.97
C CYS A 669 -16.05 5.49 3.03
N ARG A 670 -14.87 5.92 3.49
CA ARG A 670 -14.55 7.29 3.93
C ARG A 670 -13.51 7.91 3.00
N THR A 671 -13.93 8.81 2.11
CA THR A 671 -13.06 9.23 1.00
C THR A 671 -12.74 10.70 1.06
N THR A 672 -11.58 11.04 0.54
CA THR A 672 -11.14 12.42 0.48
C THR A 672 -11.88 13.17 -0.63
N CYS A 673 -12.58 14.24 -0.24
CA CYS A 673 -13.39 15.04 -1.17
C CYS A 673 -12.56 16.18 -1.77
N PHE A 674 -12.77 16.43 -3.06
CA PHE A 674 -12.12 17.55 -3.73
C PHE A 674 -13.10 18.35 -4.58
N LEU A 675 -13.71 17.66 -5.54
CA LEU A 675 -14.62 18.29 -6.48
C LEU A 675 -15.86 18.91 -5.82
N SER A 676 -16.35 18.27 -4.75
CA SER A 676 -17.60 18.68 -4.16
C SER A 676 -17.88 17.84 -2.92
N ALA A 677 -18.81 18.34 -2.10
CA ALA A 677 -19.29 17.61 -0.94
C ALA A 677 -20.51 18.32 -0.40
N LEU A 678 -21.07 17.80 0.69
CA LEU A 678 -22.29 18.37 1.28
C LEU A 678 -22.12 18.59 2.78
N THR A 679 -22.46 19.81 3.21
CA THR A 679 -22.36 20.20 4.62
C THR A 679 -23.71 20.71 5.11
N CYS A 680 -24.02 20.42 6.37
CA CYS A 680 -25.20 21.01 7.01
C CYS A 680 -24.76 21.77 8.26
N SER A 681 -25.72 22.35 8.96
CA SER A 681 -25.45 23.09 10.19
C SER A 681 -25.43 22.16 11.41
N CYS A 682 -25.83 20.89 11.21
CA CYS A 682 -25.81 19.87 12.26
C CYS A 682 -24.41 19.75 12.91
N ASN A 683 -23.38 20.00 12.09
CA ASN A 683 -21.99 20.10 12.57
C ASN A 683 -21.25 21.25 11.88
N PRO A 684 -20.38 21.96 12.62
CA PRO A 684 -19.60 23.01 11.96
C PRO A 684 -18.72 22.43 10.86
N GLU A 685 -17.98 21.38 11.18
CA GLU A 685 -17.38 20.55 10.17
C GLU A 685 -17.66 19.06 10.44
N ARG A 686 -18.52 18.50 9.61
CA ARG A 686 -18.61 17.07 9.42
C ARG A 686 -19.16 16.95 8.02
N LEU A 687 -18.70 15.98 7.27
CA LEU A 687 -18.82 16.07 5.83
C LEU A 687 -19.24 14.78 5.16
N VAL A 688 -19.85 14.92 3.98
CA VAL A 688 -20.27 13.79 3.17
C VAL A 688 -20.10 14.10 1.68
N CYS A 689 -19.53 13.15 0.93
CA CYS A 689 -19.40 13.29 -0.53
C CYS A 689 -20.76 13.08 -1.20
N LEU A 690 -20.90 13.54 -2.45
CA LEU A 690 -22.19 13.50 -3.15
C LEU A 690 -22.68 12.08 -3.44
N TYR A 691 -21.85 11.07 -3.16
CA TYR A 691 -22.27 9.68 -3.29
C TYR A 691 -23.06 9.21 -2.08
N HIS A 692 -23.00 9.95 -0.97
CA HIS A 692 -23.72 9.59 0.25
C HIS A 692 -24.34 10.81 0.93
N PRO A 693 -25.23 11.53 0.23
CA PRO A 693 -25.82 12.77 0.75
C PRO A 693 -26.80 12.56 1.92
N THR A 694 -27.43 11.38 1.99
CA THR A 694 -28.48 11.11 2.96
C THR A 694 -27.94 10.78 4.35
N ASP A 695 -26.63 10.56 4.43
CA ASP A 695 -25.99 10.10 5.66
C ASP A 695 -25.38 11.26 6.48
N LEU A 696 -25.54 12.49 6.02
CA LEU A 696 -24.93 13.65 6.69
C LEU A 696 -25.56 13.91 8.06
N CYS A 697 -26.86 14.18 8.09
CA CYS A 697 -27.61 14.22 9.35
C CYS A 697 -29.09 13.96 9.06
N PRO A 698 -29.90 13.80 10.12
CA PRO A 698 -31.35 13.58 9.95
C PRO A 698 -32.04 14.82 9.41
N CYS A 699 -31.34 15.94 9.48
CA CYS A 699 -31.81 17.24 9.00
C CYS A 699 -32.44 17.12 7.63
N PRO A 700 -33.63 17.70 7.45
CA PRO A 700 -34.21 17.63 6.11
C PRO A 700 -33.39 18.45 5.15
N MET A 701 -33.60 18.24 3.86
CA MET A 701 -32.85 18.95 2.82
C MET A 701 -32.87 20.44 3.12
N GLN A 702 -34.03 21.06 2.90
CA GLN A 702 -34.24 22.43 3.32
C GLN A 702 -33.10 23.33 2.84
N LYS A 703 -32.34 23.87 3.79
CA LYS A 703 -31.29 24.82 3.48
C LYS A 703 -29.96 24.13 3.20
N LYS A 704 -29.50 24.30 1.96
CA LYS A 704 -28.13 24.02 1.55
C LYS A 704 -27.62 22.62 1.91
N CYS A 705 -26.31 22.42 2.13
CA CYS A 705 -25.23 23.25 1.55
C CYS A 705 -24.28 22.45 0.65
N LEU A 706 -24.29 22.75 -0.64
CA LEU A 706 -23.38 22.10 -1.58
C LEU A 706 -22.13 22.94 -1.69
N ARG A 707 -21.04 22.42 -1.11
CA ARG A 707 -19.76 23.09 -1.17
C ARG A 707 -19.06 22.53 -2.39
N TYR A 708 -18.80 23.39 -3.36
CA TYR A 708 -18.15 22.99 -4.61
C TYR A 708 -16.75 23.58 -4.70
N ARG A 709 -16.07 23.24 -5.78
CA ARG A 709 -14.68 23.63 -6.01
C ARG A 709 -14.62 24.52 -7.25
N TYR A 710 -15.09 23.99 -8.38
CA TYR A 710 -15.29 24.80 -9.58
C TYR A 710 -16.78 24.83 -9.95
N PRO A 711 -17.28 25.97 -10.45
CA PRO A 711 -18.69 26.25 -10.72
C PRO A 711 -19.31 25.47 -11.89
N LEU A 712 -18.50 24.73 -12.66
CA LEU A 712 -18.80 24.30 -14.03
C LEU A 712 -18.23 25.20 -15.13
N GLU A 713 -17.57 26.29 -14.74
CA GLU A 713 -16.69 26.98 -15.69
C GLU A 713 -15.42 26.16 -15.93
N ASP A 714 -15.26 25.05 -15.19
CA ASP A 714 -14.09 24.18 -15.30
C ASP A 714 -14.04 23.42 -16.61
N LEU A 715 -15.22 22.99 -17.09
CA LEU A 715 -15.34 22.15 -18.26
C LEU A 715 -14.59 22.77 -19.43
N PRO A 716 -14.97 23.99 -19.83
CA PRO A 716 -14.25 24.58 -20.96
C PRO A 716 -12.77 24.81 -20.65
N SER A 717 -12.49 25.38 -19.47
CA SER A 717 -11.15 25.81 -19.12
C SER A 717 -10.10 24.70 -19.15
N LEU A 718 -10.24 23.73 -18.26
CA LEU A 718 -9.18 22.76 -18.02
C LEU A 718 -9.10 21.70 -19.12
N LEU A 719 -10.24 21.28 -19.66
CA LEU A 719 -10.23 20.35 -20.78
C LEU A 719 -9.55 20.95 -22.00
N TYR A 720 -9.44 22.28 -22.01
CA TYR A 720 -8.80 22.99 -23.11
C TYR A 720 -7.29 22.80 -23.01
N GLY A 721 -6.72 23.31 -21.93
CA GLY A 721 -5.27 23.27 -21.73
C GLY A 721 -4.67 21.91 -21.99
N VAL A 722 -5.35 20.86 -21.54
CA VAL A 722 -4.88 19.50 -21.77
C VAL A 722 -5.14 19.05 -23.21
N LYS A 723 -6.32 19.38 -23.74
CA LYS A 723 -6.66 19.04 -25.12
C LYS A 723 -5.77 19.78 -26.11
N VAL A 724 -5.23 20.93 -25.68
CA VAL A 724 -4.24 21.67 -26.45
C VAL A 724 -3.03 20.78 -26.74
N ARG A 725 -2.27 20.46 -25.68
CA ARG A 725 -1.05 19.68 -25.82
C ARG A 725 -1.35 18.25 -26.26
N ALA A 726 -2.59 17.82 -26.06
CA ALA A 726 -3.03 16.50 -26.51
C ALA A 726 -3.15 16.45 -28.03
N GLN A 727 -3.84 17.43 -28.60
CA GLN A 727 -4.08 17.48 -30.04
C GLN A 727 -3.03 18.31 -30.79
N SER A 728 -2.11 18.92 -30.05
CA SER A 728 -0.96 19.62 -30.66
C SER A 728 0.05 18.58 -31.15
N TYR A 729 0.13 17.48 -30.41
CA TYR A 729 1.02 16.38 -30.75
C TYR A 729 0.40 15.53 -31.85
N ASP A 730 -0.93 15.39 -31.81
CA ASP A 730 -1.67 14.60 -32.79
C ASP A 730 -1.51 15.16 -34.19
N THR A 731 -1.50 16.49 -34.29
CA THR A 731 -1.35 17.16 -35.58
C THR A 731 0.11 17.16 -36.03
N TRP A 732 1.01 17.28 -35.06
CA TRP A 732 2.44 17.39 -35.34
C TRP A 732 2.99 16.10 -35.97
N VAL A 733 2.44 14.96 -35.56
CA VAL A 733 2.84 13.66 -36.12
C VAL A 733 2.19 13.43 -37.49
N SER A 734 0.97 13.92 -37.65
CA SER A 734 0.22 13.76 -38.90
C SER A 734 0.71 14.73 -39.97
N VAL A 755 12.00 23.11 -38.46
CA VAL A 755 11.19 23.77 -37.44
C VAL A 755 10.21 22.78 -36.78
N MET A 756 9.84 21.73 -37.51
CA MET A 756 9.00 20.68 -36.96
C MET A 756 9.81 19.81 -36.00
N LEU A 757 11.13 19.81 -36.18
CA LEU A 757 12.03 19.17 -35.24
C LEU A 757 12.52 20.17 -34.19
N GLU A 758 12.06 21.42 -34.32
CA GLU A 758 12.29 22.45 -33.32
C GLU A 758 11.18 22.40 -32.28
N ASP A 759 9.93 22.58 -32.74
CA ASP A 759 8.75 22.55 -31.88
C ASP A 759 8.74 21.35 -30.93
N ALA A 760 9.21 20.20 -31.42
CA ALA A 760 9.30 19.00 -30.60
C ALA A 760 10.29 19.17 -29.45
N GLU A 761 11.32 19.97 -29.68
CA GLU A 761 12.31 20.28 -28.64
C GLU A 761 11.80 21.35 -27.68
N ASP A 762 11.03 22.30 -28.20
CA ASP A 762 10.45 23.38 -27.39
C ASP A 762 9.32 22.85 -26.51
N ARG A 763 8.47 22.01 -27.10
CA ARG A 763 7.32 21.42 -26.40
C ARG A 763 7.72 20.18 -25.62
N LYS A 764 8.99 19.79 -25.72
CA LYS A 764 9.52 18.63 -24.98
C LYS A 764 8.79 17.35 -25.35
N TYR A 765 8.61 17.11 -26.64
CA TYR A 765 7.98 15.89 -27.14
C TYR A 765 8.90 14.70 -26.89
N PRO A 766 8.34 13.48 -26.87
CA PRO A 766 9.19 12.29 -26.79
C PRO A 766 9.84 12.05 -28.13
N GLU A 767 10.75 11.08 -28.25
CA GLU A 767 11.33 10.79 -29.54
C GLU A 767 11.22 9.32 -29.97
N ASN A 768 12.19 8.52 -29.54
CA ASN A 768 12.41 7.18 -30.10
C ASN A 768 12.31 7.27 -31.63
N ASP A 769 11.74 6.23 -32.25
CA ASP A 769 10.72 6.39 -33.29
C ASP A 769 10.90 7.59 -34.24
N LEU A 770 9.89 8.47 -34.24
CA LEU A 770 9.80 9.66 -35.09
C LEU A 770 11.07 10.49 -35.21
N PHE A 771 11.69 10.82 -34.08
CA PHE A 771 12.92 11.62 -34.07
C PHE A 771 14.06 10.91 -34.80
N ARG A 772 13.99 9.59 -34.88
CA ARG A 772 15.02 8.79 -35.55
C ARG A 772 14.99 9.04 -37.06
N LYS A 773 13.78 9.12 -37.61
CA LYS A 773 13.59 9.44 -39.03
C LYS A 773 14.14 10.84 -39.35
N LEU A 774 14.05 11.74 -38.36
CA LEU A 774 14.50 13.12 -38.50
C LEU A 774 15.99 13.22 -38.86
N ARG A 775 16.85 12.81 -37.92
CA ARG A 775 18.30 12.89 -38.09
C ARG A 775 18.79 12.04 -39.27
N UNK B 1 -14.01 6.70 25.59
CA UNK B 1 -12.62 6.82 26.01
C UNK B 1 -11.71 6.87 24.79
N UNK B 2 -11.97 7.84 23.90
CA UNK B 2 -11.18 8.02 22.71
C UNK B 2 -10.04 9.01 22.94
N UNK B 3 -9.91 9.50 24.19
CA UNK B 3 -8.91 10.52 24.52
C UNK B 3 -7.82 9.92 25.41
N UNK B 4 -6.56 10.14 25.02
CA UNK B 4 -5.41 9.55 25.72
C UNK B 4 -5.34 10.05 27.16
N UNK B 5 -5.92 11.22 27.42
CA UNK B 5 -5.96 11.76 28.77
C UNK B 5 -6.70 10.80 29.71
N UNK B 6 -7.56 9.96 29.11
CA UNK B 6 -8.39 8.98 29.83
C UNK B 6 -7.76 7.58 29.68
N UNK B 7 -7.59 7.14 28.42
CA UNK B 7 -7.09 5.79 28.12
C UNK B 7 -5.82 5.46 28.90
N UNK B 8 -5.04 6.48 29.25
CA UNK B 8 -3.82 6.34 30.06
C UNK B 8 -4.05 6.66 31.54
N UNK B 9 -5.30 6.90 31.92
CA UNK B 9 -5.66 7.43 33.25
C UNK B 9 -6.07 6.41 34.32
N UNK B 10 -5.98 5.11 34.03
CA UNK B 10 -6.40 4.04 34.95
C UNK B 10 -6.34 4.39 36.44
NI NI C . 4.46 -4.70 -1.98
ZN ZN D . -19.11 9.10 0.63
ZN ZN E . -27.90 19.66 8.93
C4 50P F . 9.63 -7.23 3.68
C5 50P F . 8.38 -6.63 3.61
C8 50P F . 8.60 -6.45 1.22
C9 50P F . 8.34 -6.20 -0.14
C10 50P F . 9.50 -6.62 -0.82
C13 50P F . 10.42 -7.47 2.47
C3 50P F . 11.58 -6.77 5.24
C1 50P F . 10.71 -9.11 5.02
C2 50P F . 10.34 -7.63 4.96
N6 50P F . 7.89 -6.25 2.37
N11 50P F . 10.41 -7.12 0.01
N12 50P F . 9.84 -7.03 1.27
O14 50P F . 11.50 -8.05 2.45
C15 50P F . 7.10 -5.74 -0.70
N16 50P F . 6.08 -5.39 -1.11
C17 50P F . 7.44 -6.37 4.72
C18 50P F . 7.87 -5.75 5.89
C19 50P F . 6.98 -5.48 6.91
C20 50P F . 5.66 -5.81 6.79
C21 50P F . 5.21 -6.43 5.64
C22 50P F . 6.10 -6.70 4.62
#